data_2MDQ
#
_entry.id   2MDQ
#
_entity_poly.entity_id   1
_entity_poly.type   'polypeptide(L)'
_entity_poly.pdbx_seq_one_letter_code
;GCCSHPACNVDHPEIC(NH2)
;
_entity_poly.pdbx_strand_id   A
#
loop_
_chem_comp.id
_chem_comp.type
_chem_comp.name
_chem_comp.formula
NH2 non-polymer 'AMINO GROUP' 'H2 N'
#
# COMPACT_ATOMS: atom_id res chain seq x y z
N GLY A 1 3.71 -3.43 7.04
CA GLY A 1 3.21 -2.17 6.53
C GLY A 1 2.98 -2.24 5.05
N CYS A 2 1.74 -2.02 4.65
CA CYS A 2 1.32 -2.15 3.29
C CYS A 2 1.97 -1.21 2.32
N CYS A 3 2.48 -0.14 2.79
CA CYS A 3 3.18 0.78 1.94
C CYS A 3 4.50 0.22 1.48
N SER A 4 5.15 -0.50 2.33
CA SER A 4 6.42 -1.15 2.02
C SER A 4 6.17 -2.45 1.20
N HIS A 5 4.90 -2.76 1.01
CA HIS A 5 4.46 -3.88 0.21
C HIS A 5 3.94 -3.36 -1.11
N PRO A 6 4.69 -3.49 -2.20
CA PRO A 6 4.27 -2.99 -3.53
C PRO A 6 2.84 -3.46 -3.91
N ALA A 7 2.49 -4.68 -3.57
CA ALA A 7 1.18 -5.24 -3.91
C ALA A 7 0.06 -4.62 -3.05
N CYS A 8 0.32 -4.44 -1.76
CA CYS A 8 -0.72 -3.96 -0.83
C CYS A 8 -0.81 -2.43 -0.91
N ASN A 9 0.24 -1.84 -1.40
CA ASN A 9 0.36 -0.39 -1.58
C ASN A 9 -0.75 0.09 -2.49
N VAL A 10 -0.98 -0.69 -3.53
CA VAL A 10 -1.96 -0.40 -4.55
C VAL A 10 -3.39 -0.35 -3.98
N ASP A 11 -3.68 -1.17 -2.99
CA ASP A 11 -5.04 -1.22 -2.49
C ASP A 11 -5.26 -0.31 -1.30
N HIS A 12 -4.24 0.42 -0.90
CA HIS A 12 -4.36 1.40 0.13
C HIS A 12 -4.02 2.80 -0.41
N PRO A 13 -4.89 3.42 -1.25
CA PRO A 13 -4.59 4.74 -1.84
C PRO A 13 -4.70 5.85 -0.81
N GLU A 14 -5.30 5.51 0.30
CA GLU A 14 -5.50 6.37 1.41
C GLU A 14 -4.24 6.46 2.27
N ILE A 15 -3.39 5.44 2.20
CA ILE A 15 -2.19 5.40 3.02
C ILE A 15 -1.00 5.64 2.14
N CYS A 16 -0.95 4.90 1.09
CA CYS A 16 0.13 4.94 0.17
C CYS A 16 -0.25 5.80 -1.01
N NH2 A 17 0.14 7.05 -0.97
HN1 NH2 A 17 0.69 7.34 -0.22
HN2 NH2 A 17 -0.14 7.64 -1.71
N GLY A 1 4.29 -2.06 7.26
CA GLY A 1 3.06 -1.54 6.70
C GLY A 1 2.94 -1.92 5.25
N CYS A 2 1.76 -1.79 4.69
CA CYS A 2 1.49 -2.15 3.33
C CYS A 2 2.19 -1.29 2.33
N CYS A 3 2.70 -0.19 2.76
CA CYS A 3 3.42 0.69 1.90
C CYS A 3 4.73 0.07 1.46
N SER A 4 5.31 -0.65 2.36
CA SER A 4 6.53 -1.39 2.10
C SER A 4 6.22 -2.71 1.35
N HIS A 5 4.99 -2.82 0.87
CA HIS A 5 4.49 -3.95 0.13
C HIS A 5 3.81 -3.47 -1.14
N PRO A 6 4.52 -3.43 -2.28
CA PRO A 6 4.02 -2.90 -3.57
C PRO A 6 2.56 -3.29 -3.90
N ALA A 7 2.22 -4.56 -3.73
CA ALA A 7 0.88 -5.04 -4.04
C ALA A 7 -0.18 -4.44 -3.12
N CYS A 8 0.13 -4.31 -1.85
CA CYS A 8 -0.84 -3.86 -0.84
C CYS A 8 -0.90 -2.35 -0.85
N ASN A 9 0.14 -1.76 -1.35
CA ASN A 9 0.32 -0.34 -1.44
C ASN A 9 -0.69 0.22 -2.41
N VAL A 10 -0.86 -0.50 -3.49
CA VAL A 10 -1.77 -0.15 -4.54
C VAL A 10 -3.24 -0.14 -4.04
N ASP A 11 -3.62 -1.11 -3.23
CA ASP A 11 -5.01 -1.19 -2.81
C ASP A 11 -5.31 -0.37 -1.56
N HIS A 12 -4.31 0.34 -1.08
CA HIS A 12 -4.49 1.29 -0.04
C HIS A 12 -4.11 2.70 -0.52
N PRO A 13 -4.96 3.35 -1.33
CA PRO A 13 -4.63 4.66 -1.93
C PRO A 13 -4.50 5.79 -0.93
N GLU A 14 -5.13 5.63 0.19
CA GLU A 14 -5.15 6.63 1.19
C GLU A 14 -4.05 6.41 2.21
N ILE A 15 -3.53 5.21 2.25
CA ILE A 15 -2.51 4.90 3.22
C ILE A 15 -1.16 4.96 2.54
N CYS A 16 -1.13 4.46 1.36
CA CYS A 16 0.05 4.36 0.59
C CYS A 16 -0.15 5.04 -0.76
N NH2 A 17 -0.85 4.38 -1.65
HN1 NH2 A 17 -1.23 3.50 -1.43
HN2 NH2 A 17 -0.98 4.81 -2.53
N GLY A 1 3.67 -2.02 7.50
CA GLY A 1 2.38 -2.24 6.86
C GLY A 1 2.54 -2.49 5.38
N CYS A 2 1.42 -2.63 4.68
CA CYS A 2 1.38 -2.95 3.27
C CYS A 2 2.03 -1.95 2.35
N CYS A 3 2.24 -0.78 2.80
CA CYS A 3 2.90 0.21 1.98
C CYS A 3 4.33 -0.12 1.64
N SER A 4 4.98 -0.84 2.47
CA SER A 4 6.32 -1.32 2.18
C SER A 4 6.27 -2.58 1.30
N HIS A 5 5.07 -2.95 0.90
CA HIS A 5 4.84 -4.09 0.04
C HIS A 5 4.21 -3.58 -1.24
N PRO A 6 4.99 -3.51 -2.34
CA PRO A 6 4.53 -2.97 -3.64
C PRO A 6 3.13 -3.45 -4.08
N ALA A 7 2.89 -4.73 -3.91
CA ALA A 7 1.63 -5.33 -4.33
C ALA A 7 0.46 -4.94 -3.42
N CYS A 8 0.75 -4.66 -2.17
CA CYS A 8 -0.31 -4.35 -1.19
C CYS A 8 -0.35 -2.83 -0.97
N ASN A 9 0.46 -2.15 -1.74
CA ASN A 9 0.63 -0.71 -1.62
C ASN A 9 -0.53 0.00 -2.27
N VAL A 10 -0.85 -0.49 -3.44
CA VAL A 10 -1.89 0.09 -4.29
C VAL A 10 -3.29 0.05 -3.62
N ASP A 11 -3.52 -0.87 -2.71
CA ASP A 11 -4.83 -0.99 -2.09
C ASP A 11 -4.97 -0.17 -0.80
N HIS A 12 -4.02 0.72 -0.57
CA HIS A 12 -4.14 1.70 0.50
C HIS A 12 -4.33 3.08 -0.10
N PRO A 13 -5.56 3.46 -0.46
CA PRO A 13 -5.83 4.71 -1.19
C PRO A 13 -5.57 5.97 -0.37
N GLU A 14 -5.68 5.84 0.91
CA GLU A 14 -5.53 6.93 1.78
C GLU A 14 -4.10 7.02 2.33
N ILE A 15 -3.25 6.11 1.89
CA ILE A 15 -1.87 6.12 2.37
C ILE A 15 -0.94 6.22 1.18
N CYS A 16 -1.00 5.25 0.35
CA CYS A 16 -0.14 5.14 -0.79
C CYS A 16 -0.95 5.11 -2.09
N NH2 A 17 -1.37 3.94 -2.53
HN1 NH2 A 17 -1.13 3.13 -2.04
HN2 NH2 A 17 -1.91 3.93 -3.35
N GLY A 1 4.89 -2.43 6.49
CA GLY A 1 3.44 -2.49 6.37
C GLY A 1 3.04 -2.54 4.93
N CYS A 2 1.74 -2.45 4.67
CA CYS A 2 1.20 -2.55 3.34
C CYS A 2 1.69 -1.51 2.38
N CYS A 3 2.17 -0.44 2.87
CA CYS A 3 2.71 0.59 2.02
C CYS A 3 4.04 0.19 1.45
N SER A 4 4.83 -0.40 2.27
CA SER A 4 6.16 -0.85 1.91
C SER A 4 6.06 -2.11 1.03
N HIS A 5 4.88 -2.67 1.01
CA HIS A 5 4.52 -3.79 0.20
C HIS A 5 3.84 -3.29 -1.05
N PRO A 6 4.53 -3.27 -2.20
CA PRO A 6 4.01 -2.71 -3.45
C PRO A 6 2.61 -3.24 -3.82
N ALA A 7 2.38 -4.52 -3.58
CA ALA A 7 1.11 -5.14 -3.94
C ALA A 7 -0.04 -4.65 -3.06
N CYS A 8 0.22 -4.51 -1.79
CA CYS A 8 -0.83 -4.12 -0.85
C CYS A 8 -0.98 -2.60 -0.87
N ASN A 9 0.05 -1.91 -1.33
CA ASN A 9 0.03 -0.46 -1.42
C ASN A 9 -0.94 -0.03 -2.48
N VAL A 10 -1.03 -0.85 -3.51
CA VAL A 10 -1.99 -0.66 -4.59
C VAL A 10 -3.42 -0.51 -4.05
N ASP A 11 -3.76 -1.31 -3.05
CA ASP A 11 -5.08 -1.25 -2.46
C ASP A 11 -5.11 -0.34 -1.24
N HIS A 12 -3.98 0.26 -0.94
CA HIS A 12 -3.90 1.25 0.10
C HIS A 12 -3.44 2.62 -0.48
N PRO A 13 -4.26 3.29 -1.32
CA PRO A 13 -3.86 4.54 -1.96
C PRO A 13 -4.12 5.72 -1.06
N GLU A 14 -5.00 5.50 -0.15
CA GLU A 14 -5.41 6.44 0.82
C GLU A 14 -4.45 6.42 2.00
N ILE A 15 -3.60 5.41 2.03
CA ILE A 15 -2.69 5.27 3.12
C ILE A 15 -1.37 5.86 2.72
N CYS A 16 -0.88 5.40 1.60
CA CYS A 16 0.34 5.86 1.05
C CYS A 16 0.20 5.98 -0.46
N NH2 A 17 -0.23 7.12 -0.91
HN1 NH2 A 17 -0.40 7.84 -0.28
HN2 NH2 A 17 -0.34 7.21 -1.89
N GLY A 1 4.02 -2.38 7.29
CA GLY A 1 2.89 -1.66 6.72
C GLY A 1 2.83 -1.91 5.24
N CYS A 2 1.62 -1.89 4.69
CA CYS A 2 1.36 -2.17 3.31
C CYS A 2 2.04 -1.26 2.31
N CYS A 3 2.48 -0.14 2.75
CA CYS A 3 3.22 0.76 1.90
C CYS A 3 4.52 0.16 1.44
N SER A 4 5.15 -0.54 2.31
CA SER A 4 6.40 -1.22 2.03
C SER A 4 6.14 -2.53 1.25
N HIS A 5 4.90 -2.80 1.01
CA HIS A 5 4.44 -3.97 0.29
C HIS A 5 3.91 -3.50 -1.05
N PRO A 6 4.64 -3.72 -2.14
CA PRO A 6 4.21 -3.27 -3.48
C PRO A 6 2.80 -3.76 -3.84
N ALA A 7 2.53 -5.01 -3.54
CA ALA A 7 1.26 -5.61 -3.86
C ALA A 7 0.13 -5.07 -2.98
N CYS A 8 0.46 -4.61 -1.80
CA CYS A 8 -0.56 -4.11 -0.86
C CYS A 8 -0.53 -2.58 -0.86
N ASN A 9 0.20 -2.02 -1.77
CA ASN A 9 0.38 -0.58 -1.82
C ASN A 9 -0.71 0.06 -2.60
N VAL A 10 -0.92 -0.47 -3.78
CA VAL A 10 -1.86 0.08 -4.74
C VAL A 10 -3.31 0.15 -4.21
N ASP A 11 -3.73 -0.84 -3.45
CA ASP A 11 -5.10 -0.86 -2.95
C ASP A 11 -5.26 -0.10 -1.64
N HIS A 12 -4.22 0.59 -1.21
CA HIS A 12 -4.30 1.44 -0.06
C HIS A 12 -4.05 2.90 -0.44
N PRO A 13 -5.02 3.60 -1.11
CA PRO A 13 -4.84 5.01 -1.50
C PRO A 13 -4.81 5.89 -0.28
N GLU A 14 -5.44 5.37 0.75
CA GLU A 14 -5.53 5.94 2.04
C GLU A 14 -4.18 6.11 2.72
N ILE A 15 -3.26 5.20 2.46
CA ILE A 15 -1.97 5.28 3.11
C ILE A 15 -0.91 5.70 2.11
N CYS A 16 -0.90 5.03 0.99
CA CYS A 16 0.04 5.28 -0.06
C CYS A 16 -0.61 5.09 -1.43
N NH2 A 17 -0.58 3.89 -1.98
HN1 NH2 A 17 -0.12 3.17 -1.51
HN2 NH2 A 17 -1.02 3.76 -2.84
N GLY A 1 3.66 -1.93 7.38
CA GLY A 1 2.33 -1.81 6.76
C GLY A 1 2.42 -2.16 5.30
N CYS A 2 1.28 -2.24 4.64
CA CYS A 2 1.20 -2.62 3.24
C CYS A 2 1.83 -1.68 2.28
N CYS A 3 2.04 -0.48 2.66
CA CYS A 3 2.70 0.44 1.81
C CYS A 3 4.17 0.10 1.57
N SER A 4 4.73 -0.57 2.50
CA SER A 4 6.09 -1.08 2.38
C SER A 4 6.10 -2.34 1.47
N HIS A 5 4.93 -2.72 0.99
CA HIS A 5 4.75 -3.91 0.18
C HIS A 5 4.14 -3.49 -1.18
N PRO A 6 4.93 -3.57 -2.28
CA PRO A 6 4.53 -3.07 -3.62
C PRO A 6 3.09 -3.42 -4.08
N ALA A 7 2.73 -4.68 -3.99
CA ALA A 7 1.40 -5.12 -4.44
C ALA A 7 0.27 -4.71 -3.49
N CYS A 8 0.56 -4.67 -2.20
CA CYS A 8 -0.47 -4.36 -1.20
C CYS A 8 -0.62 -2.85 -1.07
N ASN A 9 0.38 -2.15 -1.57
CA ASN A 9 0.42 -0.69 -1.60
C ASN A 9 -0.73 -0.17 -2.43
N VAL A 10 -0.98 -0.88 -3.50
CA VAL A 10 -2.00 -0.56 -4.50
C VAL A 10 -3.41 -0.42 -3.91
N ASP A 11 -3.75 -1.21 -2.92
CA ASP A 11 -5.11 -1.15 -2.42
C ASP A 11 -5.26 -0.24 -1.23
N HIS A 12 -4.19 0.41 -0.82
CA HIS A 12 -4.26 1.33 0.27
C HIS A 12 -3.92 2.77 -0.16
N PRO A 13 -4.85 3.48 -0.86
CA PRO A 13 -4.63 4.88 -1.27
C PRO A 13 -4.68 5.83 -0.07
N GLU A 14 -5.12 5.28 1.05
CA GLU A 14 -5.20 5.97 2.30
C GLU A 14 -3.80 6.38 2.77
N ILE A 15 -2.81 5.61 2.39
CA ILE A 15 -1.44 5.93 2.72
C ILE A 15 -0.78 6.39 1.46
N CYS A 16 -0.78 5.51 0.51
CA CYS A 16 -0.15 5.71 -0.75
C CYS A 16 -1.18 5.96 -1.83
N NH2 A 17 -1.48 7.21 -2.06
HN1 NH2 A 17 -1.00 7.91 -1.57
HN2 NH2 A 17 -2.19 7.40 -2.72
N GLY A 1 4.53 -2.29 6.63
CA GLY A 1 3.09 -2.44 6.47
C GLY A 1 2.77 -2.66 5.02
N CYS A 2 1.54 -2.49 4.64
CA CYS A 2 1.12 -2.70 3.28
C CYS A 2 1.71 -1.75 2.30
N CYS A 3 2.11 -0.61 2.75
CA CYS A 3 2.75 0.32 1.89
C CYS A 3 4.17 -0.08 1.58
N SER A 4 4.80 -0.72 2.52
CA SER A 4 6.15 -1.25 2.35
C SER A 4 6.13 -2.43 1.35
N HIS A 5 4.94 -2.98 1.16
CA HIS A 5 4.66 -4.05 0.23
C HIS A 5 4.11 -3.45 -1.05
N PRO A 6 4.90 -3.43 -2.14
CA PRO A 6 4.48 -2.85 -3.44
C PRO A 6 3.10 -3.32 -3.92
N ALA A 7 2.79 -4.57 -3.67
CA ALA A 7 1.51 -5.14 -4.08
C ALA A 7 0.36 -4.61 -3.25
N CYS A 8 0.55 -4.53 -1.93
CA CYS A 8 -0.54 -4.16 -1.01
C CYS A 8 -0.66 -2.63 -0.95
N ASN A 9 0.33 -1.98 -1.51
CA ASN A 9 0.43 -0.54 -1.55
C ASN A 9 -0.73 0.05 -2.32
N VAL A 10 -1.00 -0.57 -3.44
CA VAL A 10 -2.00 -0.13 -4.39
C VAL A 10 -3.42 -0.14 -3.77
N ASP A 11 -3.70 -1.07 -2.89
CA ASP A 11 -5.02 -1.16 -2.31
C ASP A 11 -5.18 -0.32 -1.05
N HIS A 12 -4.16 0.44 -0.73
CA HIS A 12 -4.22 1.40 0.33
C HIS A 12 -3.98 2.82 -0.21
N PRO A 13 -4.96 3.40 -0.93
CA PRO A 13 -4.79 4.69 -1.62
C PRO A 13 -4.82 5.86 -0.66
N GLU A 14 -5.30 5.61 0.52
CA GLU A 14 -5.41 6.59 1.54
C GLU A 14 -4.10 6.75 2.30
N ILE A 15 -3.25 5.75 2.20
CA ILE A 15 -1.95 5.82 2.83
C ILE A 15 -0.94 6.11 1.74
N CYS A 16 -1.08 5.40 0.67
CA CYS A 16 -0.24 5.51 -0.47
C CYS A 16 -1.06 5.59 -1.75
N NH2 A 17 -1.44 6.77 -2.12
HN1 NH2 A 17 -1.17 7.53 -1.57
HN2 NH2 A 17 -1.99 6.84 -2.94
N GLY A 1 4.13 -2.48 7.43
CA GLY A 1 3.26 -1.53 6.77
C GLY A 1 3.13 -1.87 5.31
N CYS A 2 1.91 -1.78 4.80
CA CYS A 2 1.61 -2.12 3.44
C CYS A 2 2.24 -1.24 2.41
N CYS A 3 2.69 -0.12 2.83
CA CYS A 3 3.37 0.76 1.93
C CYS A 3 4.68 0.17 1.42
N SER A 4 5.30 -0.57 2.27
CA SER A 4 6.51 -1.30 1.93
C SER A 4 6.18 -2.61 1.18
N HIS A 5 4.91 -2.81 0.92
CA HIS A 5 4.38 -3.96 0.22
C HIS A 5 3.66 -3.48 -1.02
N PRO A 6 4.34 -3.41 -2.18
CA PRO A 6 3.76 -2.88 -3.44
C PRO A 6 2.35 -3.42 -3.76
N ALA A 7 2.16 -4.71 -3.56
CA ALA A 7 0.88 -5.38 -3.85
C ALA A 7 -0.23 -4.93 -2.90
N CYS A 8 0.14 -4.48 -1.71
CA CYS A 8 -0.86 -4.03 -0.73
C CYS A 8 -1.00 -2.52 -0.82
N ASN A 9 0.00 -1.91 -1.37
CA ASN A 9 0.08 -0.46 -1.46
C ASN A 9 -0.79 0.01 -2.58
N VAL A 10 -0.76 -0.75 -3.65
CA VAL A 10 -1.50 -0.44 -4.86
C VAL A 10 -3.03 -0.38 -4.61
N ASP A 11 -3.51 -1.02 -3.56
CA ASP A 11 -4.94 -0.95 -3.28
C ASP A 11 -5.26 -0.13 -2.05
N HIS A 12 -4.25 0.45 -1.45
CA HIS A 12 -4.45 1.31 -0.32
C HIS A 12 -3.95 2.74 -0.59
N PRO A 13 -4.72 3.56 -1.33
CA PRO A 13 -4.34 4.94 -1.64
C PRO A 13 -4.54 5.83 -0.42
N GLU A 14 -5.23 5.26 0.53
CA GLU A 14 -5.55 5.85 1.78
C GLU A 14 -4.29 5.93 2.64
N ILE A 15 -3.37 4.98 2.45
CA ILE A 15 -2.16 4.95 3.24
C ILE A 15 -1.06 5.59 2.43
N CYS A 16 -0.87 5.07 1.25
CA CYS A 16 0.09 5.57 0.31
C CYS A 16 -0.56 5.70 -1.07
N NH2 A 17 -0.59 4.64 -1.84
HN1 NH2 A 17 -0.17 3.81 -1.54
HN2 NH2 A 17 -1.05 4.73 -2.70
N GLY A 1 4.91 -2.40 6.95
CA GLY A 1 3.47 -2.24 6.70
C GLY A 1 3.17 -2.39 5.24
N CYS A 2 1.91 -2.24 4.85
CA CYS A 2 1.49 -2.41 3.48
C CYS A 2 2.09 -1.44 2.50
N CYS A 3 2.58 -0.37 2.99
CA CYS A 3 3.23 0.60 2.15
C CYS A 3 4.56 0.10 1.61
N SER A 4 5.22 -0.67 2.39
CA SER A 4 6.47 -1.31 2.01
C SER A 4 6.18 -2.58 1.18
N HIS A 5 4.91 -2.87 1.02
CA HIS A 5 4.44 -4.00 0.26
C HIS A 5 3.83 -3.50 -1.03
N PRO A 6 4.59 -3.60 -2.15
CA PRO A 6 4.18 -3.07 -3.47
C PRO A 6 2.72 -3.39 -3.86
N ALA A 7 2.32 -4.62 -3.65
CA ALA A 7 0.97 -5.05 -4.03
C ALA A 7 -0.10 -4.48 -3.10
N CYS A 8 0.21 -4.38 -1.82
CA CYS A 8 -0.78 -3.93 -0.83
C CYS A 8 -0.85 -2.41 -0.81
N ASN A 9 0.20 -1.80 -1.31
CA ASN A 9 0.33 -0.37 -1.36
C ASN A 9 -0.73 0.21 -2.28
N VAL A 10 -0.88 -0.44 -3.41
CA VAL A 10 -1.77 -0.01 -4.47
C VAL A 10 -3.25 0.00 -4.04
N ASP A 11 -3.65 -0.99 -3.25
CA ASP A 11 -5.05 -1.08 -2.84
C ASP A 11 -5.34 -0.26 -1.60
N HIS A 12 -4.34 0.40 -1.10
CA HIS A 12 -4.49 1.33 -0.02
C HIS A 12 -4.06 2.73 -0.48
N PRO A 13 -4.87 3.40 -1.33
CA PRO A 13 -4.50 4.72 -1.89
C PRO A 13 -4.54 5.80 -0.85
N GLU A 14 -5.34 5.56 0.15
CA GLU A 14 -5.53 6.44 1.24
C GLU A 14 -4.32 6.41 2.19
N ILE A 15 -3.61 5.30 2.19
CA ILE A 15 -2.43 5.18 3.03
C ILE A 15 -1.22 5.56 2.21
N CYS A 16 -1.13 4.99 1.05
CA CYS A 16 -0.07 5.25 0.14
C CYS A 16 -0.56 5.38 -1.29
N NH2 A 17 -0.90 4.28 -1.90
HN1 NH2 A 17 -0.83 3.40 -1.46
HN2 NH2 A 17 -1.23 4.37 -2.83
N GLY A 1 4.29 -1.89 6.83
CA GLY A 1 2.88 -2.19 6.60
C GLY A 1 2.65 -2.50 5.15
N CYS A 2 1.42 -2.37 4.70
CA CYS A 2 1.06 -2.66 3.34
C CYS A 2 1.74 -1.82 2.33
N CYS A 3 1.99 -0.61 2.67
CA CYS A 3 2.68 0.27 1.77
C CYS A 3 4.13 -0.05 1.59
N SER A 4 4.68 -0.73 2.54
CA SER A 4 6.03 -1.23 2.45
C SER A 4 6.09 -2.42 1.46
N HIS A 5 4.92 -2.91 1.08
CA HIS A 5 4.78 -4.01 0.14
C HIS A 5 4.20 -3.47 -1.16
N PRO A 6 4.90 -3.67 -2.29
CA PRO A 6 4.47 -3.15 -3.60
C PRO A 6 3.05 -3.58 -4.01
N ALA A 7 2.65 -4.78 -3.61
CA ALA A 7 1.33 -5.28 -3.95
C ALA A 7 0.22 -4.60 -3.15
N CYS A 8 0.42 -4.48 -1.84
CA CYS A 8 -0.65 -3.97 -0.94
C CYS A 8 -0.64 -2.45 -0.94
N ASN A 9 0.43 -1.89 -1.46
CA ASN A 9 0.59 -0.44 -1.58
C ASN A 9 -0.51 0.14 -2.43
N VAL A 10 -0.79 -0.58 -3.50
CA VAL A 10 -1.77 -0.19 -4.50
C VAL A 10 -3.18 -0.11 -3.91
N ASP A 11 -3.52 -1.05 -3.06
CA ASP A 11 -4.86 -1.10 -2.50
C ASP A 11 -4.99 -0.30 -1.22
N HIS A 12 -4.02 0.56 -0.94
CA HIS A 12 -4.10 1.48 0.15
C HIS A 12 -4.05 2.92 -0.32
N PRO A 13 -5.19 3.48 -0.82
CA PRO A 13 -5.27 4.88 -1.32
C PRO A 13 -5.08 5.86 -0.19
N GLU A 14 -5.45 5.40 0.98
CA GLU A 14 -5.40 6.14 2.18
C GLU A 14 -3.95 6.35 2.65
N ILE A 15 -3.04 5.51 2.20
CA ILE A 15 -1.65 5.63 2.63
C ILE A 15 -0.79 6.07 1.46
N CYS A 16 -0.95 5.38 0.37
CA CYS A 16 -0.18 5.60 -0.81
C CYS A 16 -1.07 5.86 -2.01
N NH2 A 17 -1.63 4.82 -2.60
HN1 NH2 A 17 -1.46 3.92 -2.24
HN2 NH2 A 17 -2.20 4.98 -3.38
N GLY A 1 4.01 -1.26 7.30
CA GLY A 1 3.01 -2.21 6.85
C GLY A 1 2.96 -2.30 5.34
N CYS A 2 1.77 -2.20 4.78
CA CYS A 2 1.51 -2.36 3.37
C CYS A 2 2.21 -1.38 2.46
N CYS A 3 2.66 -0.32 2.99
CA CYS A 3 3.32 0.68 2.19
C CYS A 3 4.64 0.22 1.63
N SER A 4 5.31 -0.59 2.37
CA SER A 4 6.55 -1.19 1.92
C SER A 4 6.29 -2.46 1.11
N HIS A 5 5.04 -2.66 0.74
CA HIS A 5 4.59 -3.81 0.00
C HIS A 5 3.88 -3.35 -1.26
N PRO A 6 4.56 -3.46 -2.42
CA PRO A 6 4.04 -2.97 -3.70
C PRO A 6 2.60 -3.39 -3.99
N ALA A 7 2.28 -4.64 -3.75
CA ALA A 7 0.95 -5.16 -4.05
C ALA A 7 -0.09 -4.55 -3.12
N CYS A 8 0.24 -4.41 -1.85
CA CYS A 8 -0.72 -3.92 -0.87
C CYS A 8 -0.77 -2.39 -0.88
N ASN A 9 0.25 -1.80 -1.47
CA ASN A 9 0.37 -0.35 -1.58
C ASN A 9 -0.72 0.16 -2.49
N VAL A 10 -0.98 -0.63 -3.52
CA VAL A 10 -1.97 -0.33 -4.55
C VAL A 10 -3.39 -0.19 -3.99
N ASP A 11 -3.80 -1.11 -3.14
CA ASP A 11 -5.18 -1.13 -2.66
C ASP A 11 -5.42 -0.26 -1.45
N HIS A 12 -4.38 0.40 -1.00
CA HIS A 12 -4.49 1.38 0.04
C HIS A 12 -4.11 2.76 -0.50
N PRO A 13 -4.97 3.38 -1.33
CA PRO A 13 -4.66 4.64 -2.02
C PRO A 13 -4.45 5.83 -1.09
N GLU A 14 -5.08 5.78 0.03
CA GLU A 14 -5.01 6.83 0.97
C GLU A 14 -3.93 6.55 2.03
N ILE A 15 -3.58 5.29 2.21
CA ILE A 15 -2.61 4.95 3.24
C ILE A 15 -1.23 5.02 2.64
N CYS A 16 -1.12 4.45 1.49
CA CYS A 16 0.11 4.36 0.79
C CYS A 16 0.03 5.14 -0.52
N NH2 A 17 -0.61 4.56 -1.53
HN1 NH2 A 17 -0.99 3.66 -1.41
HN2 NH2 A 17 -0.68 5.05 -2.37
N GLY A 1 4.67 -2.79 7.19
CA GLY A 1 3.34 -2.35 6.79
C GLY A 1 3.19 -2.41 5.30
N CYS A 2 1.96 -2.30 4.83
CA CYS A 2 1.66 -2.41 3.43
C CYS A 2 2.23 -1.33 2.56
N CYS A 3 2.62 -0.26 3.15
CA CYS A 3 3.22 0.82 2.42
C CYS A 3 4.53 0.44 1.75
N SER A 4 5.23 -0.43 2.36
CA SER A 4 6.45 -0.97 1.82
C SER A 4 6.19 -2.33 1.16
N HIS A 5 4.94 -2.57 0.87
CA HIS A 5 4.47 -3.78 0.21
C HIS A 5 3.76 -3.36 -1.07
N PRO A 6 4.45 -3.34 -2.21
CA PRO A 6 3.89 -2.83 -3.49
C PRO A 6 2.52 -3.41 -3.87
N ALA A 7 2.38 -4.72 -3.78
CA ALA A 7 1.16 -5.40 -4.17
C ALA A 7 0.04 -5.15 -3.18
N CYS A 8 0.39 -4.74 -1.98
CA CYS A 8 -0.63 -4.47 -0.98
C CYS A 8 -0.96 -3.00 -0.98
N ASN A 9 -0.06 -2.23 -1.47
CA ASN A 9 -0.11 -0.79 -1.31
C ASN A 9 -0.96 -0.17 -2.38
N VAL A 10 -0.99 -0.82 -3.51
CA VAL A 10 -1.79 -0.37 -4.65
C VAL A 10 -3.28 -0.22 -4.26
N ASP A 11 -3.75 -1.06 -3.33
CA ASP A 11 -5.14 -0.99 -2.89
C ASP A 11 -5.28 -0.19 -1.60
N HIS A 12 -4.22 0.52 -1.22
CA HIS A 12 -4.25 1.41 -0.09
C HIS A 12 -4.00 2.87 -0.55
N PRO A 13 -4.98 3.50 -1.24
CA PRO A 13 -4.80 4.81 -1.85
C PRO A 13 -4.73 5.95 -0.86
N GLU A 14 -5.43 5.81 0.21
CA GLU A 14 -5.47 6.82 1.19
C GLU A 14 -4.42 6.59 2.26
N ILE A 15 -3.58 5.58 2.07
CA ILE A 15 -2.51 5.32 3.01
C ILE A 15 -1.21 5.78 2.40
N CYS A 16 -0.82 5.11 1.35
CA CYS A 16 0.39 5.44 0.67
C CYS A 16 0.19 5.45 -0.83
N NH2 A 17 -0.19 6.58 -1.36
HN1 NH2 A 17 -0.31 7.35 -0.76
HN2 NH2 A 17 -0.34 6.60 -2.33
N GLY A 1 4.37 -2.26 6.88
CA GLY A 1 2.95 -2.38 6.56
C GLY A 1 2.77 -2.61 5.09
N CYS A 2 1.60 -2.35 4.57
CA CYS A 2 1.28 -2.57 3.20
C CYS A 2 2.01 -1.66 2.25
N CYS A 3 2.42 -0.54 2.75
CA CYS A 3 3.19 0.40 1.98
C CYS A 3 4.61 -0.06 1.80
N SER A 4 5.06 -0.82 2.75
CA SER A 4 6.37 -1.47 2.73
C SER A 4 6.37 -2.63 1.70
N HIS A 5 5.25 -2.80 1.04
CA HIS A 5 5.02 -3.78 0.01
C HIS A 5 4.53 -3.06 -1.23
N PRO A 6 4.85 -3.55 -2.42
CA PRO A 6 4.33 -2.96 -3.66
C PRO A 6 2.86 -3.37 -3.95
N ALA A 7 2.54 -4.64 -3.72
CA ALA A 7 1.22 -5.15 -4.08
C ALA A 7 0.11 -4.65 -3.17
N CYS A 8 0.37 -4.56 -1.88
CA CYS A 8 -0.64 -4.11 -0.94
C CYS A 8 -0.63 -2.59 -0.85
N ASN A 9 0.19 -1.97 -1.65
CA ASN A 9 0.36 -0.53 -1.62
C ASN A 9 -0.79 0.12 -2.36
N VAL A 10 -1.15 -0.51 -3.46
CA VAL A 10 -2.17 0.01 -4.37
C VAL A 10 -3.58 -0.06 -3.78
N ASP A 11 -3.86 -1.02 -2.93
CA ASP A 11 -5.20 -1.12 -2.38
C ASP A 11 -5.36 -0.30 -1.12
N HIS A 12 -4.32 0.43 -0.76
CA HIS A 12 -4.36 1.37 0.30
C HIS A 12 -4.04 2.77 -0.26
N PRO A 13 -4.99 3.39 -1.01
CA PRO A 13 -4.74 4.66 -1.72
C PRO A 13 -4.67 5.83 -0.77
N GLU A 14 -5.41 5.72 0.27
CA GLU A 14 -5.50 6.70 1.29
C GLU A 14 -4.28 6.68 2.21
N ILE A 15 -3.46 5.65 2.06
CA ILE A 15 -2.25 5.55 2.83
C ILE A 15 -1.09 5.90 1.91
N CYS A 16 -1.00 5.18 0.84
CA CYS A 16 0.00 5.37 -0.15
C CYS A 16 -0.63 5.40 -1.56
N NH2 A 17 -0.85 4.25 -2.15
HN1 NH2 A 17 -0.62 3.40 -1.70
HN2 NH2 A 17 -1.27 4.27 -3.04
N GLY A 1 4.58 -2.49 6.65
CA GLY A 1 3.17 -2.24 6.39
C GLY A 1 2.85 -2.52 4.96
N CYS A 2 1.60 -2.33 4.57
CA CYS A 2 1.18 -2.56 3.22
C CYS A 2 1.81 -1.65 2.24
N CYS A 3 2.26 -0.54 2.69
CA CYS A 3 2.95 0.36 1.84
C CYS A 3 4.36 -0.08 1.58
N SER A 4 4.91 -0.75 2.54
CA SER A 4 6.22 -1.35 2.42
C SER A 4 6.15 -2.47 1.39
N HIS A 5 4.97 -3.05 1.27
CA HIS A 5 4.68 -4.13 0.37
C HIS A 5 4.18 -3.57 -0.98
N PRO A 6 4.94 -3.73 -2.07
CA PRO A 6 4.58 -3.20 -3.41
C PRO A 6 3.15 -3.57 -3.85
N ALA A 7 2.76 -4.82 -3.61
CA ALA A 7 1.46 -5.31 -4.06
C ALA A 7 0.30 -4.72 -3.24
N CYS A 8 0.49 -4.60 -1.95
CA CYS A 8 -0.61 -4.16 -1.07
C CYS A 8 -0.71 -2.63 -1.07
N ASN A 9 0.38 -2.00 -1.48
CA ASN A 9 0.53 -0.54 -1.53
C ASN A 9 -0.59 0.09 -2.33
N VAL A 10 -0.87 -0.52 -3.45
CA VAL A 10 -1.82 -0.04 -4.41
C VAL A 10 -3.25 0.03 -3.85
N ASP A 11 -3.64 -0.94 -3.04
CA ASP A 11 -5.02 -0.95 -2.53
C ASP A 11 -5.17 -0.20 -1.22
N HIS A 12 -4.16 0.59 -0.87
CA HIS A 12 -4.24 1.48 0.24
C HIS A 12 -4.17 2.92 -0.26
N PRO A 13 -5.29 3.47 -0.77
CA PRO A 13 -5.33 4.78 -1.44
C PRO A 13 -5.18 5.93 -0.48
N GLU A 14 -5.59 5.70 0.72
CA GLU A 14 -5.56 6.68 1.74
C GLU A 14 -4.20 6.73 2.42
N ILE A 15 -3.36 5.74 2.14
CA ILE A 15 -2.05 5.71 2.75
C ILE A 15 -1.01 6.04 1.70
N CYS A 16 -1.08 5.33 0.62
CA CYS A 16 -0.17 5.49 -0.48
C CYS A 16 -0.92 5.65 -1.80
N NH2 A 17 -1.34 4.55 -2.40
HN1 NH2 A 17 -1.16 3.67 -1.98
HN2 NH2 A 17 -1.83 4.65 -3.24
N GLY A 1 4.64 -2.44 7.31
CA GLY A 1 3.78 -1.40 6.75
C GLY A 1 3.49 -1.68 5.30
N CYS A 2 2.28 -1.37 4.86
CA CYS A 2 1.83 -1.62 3.53
C CYS A 2 2.52 -0.82 2.47
N CYS A 3 3.17 0.21 2.85
CA CYS A 3 3.91 1.01 1.92
C CYS A 3 5.09 0.25 1.38
N SER A 4 5.66 -0.57 2.22
CA SER A 4 6.76 -1.46 1.86
C SER A 4 6.22 -2.78 1.25
N HIS A 5 4.96 -2.76 0.90
CA HIS A 5 4.24 -3.90 0.34
C HIS A 5 3.50 -3.47 -0.93
N PRO A 6 4.10 -3.65 -2.12
CA PRO A 6 3.52 -3.21 -3.40
C PRO A 6 2.06 -3.61 -3.60
N ALA A 7 1.76 -4.88 -3.35
CA ALA A 7 0.40 -5.40 -3.53
C ALA A 7 -0.58 -4.75 -2.57
N CYS A 8 -0.12 -4.42 -1.37
CA CYS A 8 -1.00 -3.79 -0.39
C CYS A 8 -1.06 -2.30 -0.64
N ASN A 9 -0.08 -1.80 -1.32
CA ASN A 9 0.07 -0.39 -1.52
C ASN A 9 -0.79 0.09 -2.66
N VAL A 10 -0.71 -0.63 -3.75
CA VAL A 10 -1.37 -0.28 -5.00
C VAL A 10 -2.89 -0.06 -4.84
N ASP A 11 -3.57 -0.85 -4.04
CA ASP A 11 -5.01 -0.65 -3.90
C ASP A 11 -5.37 0.12 -2.64
N HIS A 12 -4.35 0.59 -1.93
CA HIS A 12 -4.57 1.39 -0.75
C HIS A 12 -3.98 2.79 -0.88
N PRO A 13 -4.64 3.71 -1.61
CA PRO A 13 -4.16 5.08 -1.74
C PRO A 13 -4.36 5.85 -0.44
N GLU A 14 -5.27 5.34 0.35
CA GLU A 14 -5.64 5.89 1.62
C GLU A 14 -4.55 5.57 2.66
N ILE A 15 -3.77 4.53 2.41
CA ILE A 15 -2.71 4.14 3.32
C ILE A 15 -1.41 4.68 2.80
N CYS A 16 -1.17 4.42 1.56
CA CYS A 16 0.01 4.83 0.90
C CYS A 16 -0.32 5.53 -0.41
N NH2 A 17 -0.48 4.79 -1.48
HN1 NH2 A 17 -0.34 3.81 -1.43
HN2 NH2 A 17 -0.74 5.23 -2.31
N GLY A 1 4.38 -1.45 7.21
CA GLY A 1 3.05 -1.91 6.83
C GLY A 1 2.97 -2.19 5.35
N CYS A 2 1.78 -2.10 4.81
CA CYS A 2 1.50 -2.38 3.42
C CYS A 2 2.14 -1.45 2.45
N CYS A 3 2.55 -0.33 2.91
CA CYS A 3 3.24 0.61 2.06
C CYS A 3 4.57 0.07 1.60
N SER A 4 5.19 -0.70 2.42
CA SER A 4 6.45 -1.38 2.11
C SER A 4 6.18 -2.68 1.32
N HIS A 5 4.95 -2.83 0.86
CA HIS A 5 4.53 -3.97 0.09
C HIS A 5 3.93 -3.50 -1.22
N PRO A 6 4.60 -3.77 -2.36
CA PRO A 6 4.19 -3.25 -3.68
C PRO A 6 2.71 -3.48 -4.02
N ALA A 7 2.21 -4.69 -3.84
CA ALA A 7 0.83 -5.01 -4.17
C ALA A 7 -0.16 -4.39 -3.19
N CYS A 8 0.19 -4.37 -1.92
CA CYS A 8 -0.75 -3.90 -0.89
C CYS A 8 -0.74 -2.38 -0.86
N ASN A 9 0.32 -1.83 -1.39
CA ASN A 9 0.52 -0.40 -1.50
C ASN A 9 -0.55 0.19 -2.38
N VAL A 10 -0.79 -0.50 -3.47
CA VAL A 10 -1.72 -0.06 -4.49
C VAL A 10 -3.16 -0.03 -3.97
N ASP A 11 -3.54 -1.03 -3.21
CA ASP A 11 -4.94 -1.11 -2.76
C ASP A 11 -5.22 -0.30 -1.51
N HIS A 12 -4.23 0.42 -1.04
CA HIS A 12 -4.38 1.36 0.04
C HIS A 12 -4.16 2.79 -0.47
N PRO A 13 -5.15 3.40 -1.17
CA PRO A 13 -4.98 4.72 -1.80
C PRO A 13 -4.82 5.83 -0.78
N GLU A 14 -5.45 5.64 0.32
CA GLU A 14 -5.46 6.56 1.39
C GLU A 14 -4.19 6.48 2.24
N ILE A 15 -3.53 5.35 2.19
CA ILE A 15 -2.34 5.16 3.01
C ILE A 15 -1.11 5.36 2.17
N CYS A 16 -1.02 4.57 1.17
CA CYS A 16 0.11 4.56 0.30
C CYS A 16 -0.16 5.39 -0.94
N NH2 A 17 -1.00 4.90 -1.82
HN1 NH2 A 17 -1.42 4.02 -1.65
HN2 NH2 A 17 -1.19 5.44 -2.62
N GLY A 1 4.82 -2.44 6.91
CA GLY A 1 3.47 -2.84 6.57
C GLY A 1 3.20 -2.68 5.09
N CYS A 2 1.94 -2.48 4.76
CA CYS A 2 1.46 -2.43 3.40
C CYS A 2 2.02 -1.34 2.54
N CYS A 3 2.51 -0.32 3.11
CA CYS A 3 3.08 0.75 2.36
C CYS A 3 4.39 0.36 1.74
N SER A 4 5.13 -0.41 2.44
CA SER A 4 6.41 -0.91 1.94
C SER A 4 6.17 -2.16 1.07
N HIS A 5 4.92 -2.52 0.90
CA HIS A 5 4.52 -3.69 0.16
C HIS A 5 3.83 -3.26 -1.12
N PRO A 6 4.46 -3.51 -2.29
CA PRO A 6 3.97 -3.01 -3.59
C PRO A 6 2.48 -3.32 -3.90
N ALA A 7 2.09 -4.56 -3.74
CA ALA A 7 0.72 -4.95 -4.07
C ALA A 7 -0.30 -4.45 -3.06
N CYS A 8 0.09 -4.35 -1.80
CA CYS A 8 -0.85 -3.91 -0.77
C CYS A 8 -0.90 -2.39 -0.77
N ASN A 9 0.13 -1.79 -1.33
CA ASN A 9 0.24 -0.36 -1.47
C ASN A 9 -0.82 0.10 -2.44
N VAL A 10 -0.99 -0.68 -3.48
CA VAL A 10 -1.97 -0.41 -4.53
C VAL A 10 -3.39 -0.42 -3.99
N ASP A 11 -3.68 -1.29 -3.03
CA ASP A 11 -5.01 -1.32 -2.47
C ASP A 11 -5.16 -0.35 -1.31
N HIS A 12 -4.09 0.36 -1.03
CA HIS A 12 -4.08 1.40 -0.03
C HIS A 12 -3.75 2.75 -0.68
N PRO A 13 -4.65 3.34 -1.49
CA PRO A 13 -4.35 4.59 -2.19
C PRO A 13 -4.49 5.79 -1.28
N GLU A 14 -5.18 5.58 -0.19
CA GLU A 14 -5.44 6.58 0.78
C GLU A 14 -4.50 6.44 1.98
N ILE A 15 -3.62 5.46 1.93
CA ILE A 15 -2.69 5.24 3.02
C ILE A 15 -1.30 5.51 2.52
N CYS A 16 -0.97 4.81 1.48
CA CYS A 16 0.32 4.82 0.93
C CYS A 16 0.34 5.66 -0.33
N NH2 A 17 0.69 6.91 -0.19
HN1 NH2 A 17 0.95 7.21 0.71
HN2 NH2 A 17 0.68 7.49 -0.99
N GLY A 1 3.00 -2.95 7.61
CA GLY A 1 2.83 -1.82 6.73
C GLY A 1 2.79 -2.22 5.28
N CYS A 2 1.61 -2.16 4.71
CA CYS A 2 1.37 -2.53 3.35
C CYS A 2 2.06 -1.64 2.35
N CYS A 3 2.42 -0.48 2.75
CA CYS A 3 3.09 0.42 1.90
C CYS A 3 4.48 -0.03 1.54
N SER A 4 5.10 -0.74 2.43
CA SER A 4 6.42 -1.34 2.18
C SER A 4 6.31 -2.53 1.20
N HIS A 5 5.08 -2.81 0.77
CA HIS A 5 4.76 -3.92 -0.11
C HIS A 5 3.99 -3.36 -1.32
N PRO A 6 4.61 -3.24 -2.50
CA PRO A 6 3.97 -2.67 -3.71
C PRO A 6 2.60 -3.28 -4.04
N ALA A 7 2.45 -4.57 -3.78
CA ALA A 7 1.21 -5.27 -4.06
C ALA A 7 0.10 -4.82 -3.14
N CYS A 8 0.42 -4.46 -1.91
CA CYS A 8 -0.59 -4.07 -0.93
C CYS A 8 -0.69 -2.54 -0.89
N ASN A 9 0.35 -1.90 -1.39
CA ASN A 9 0.47 -0.45 -1.43
C ASN A 9 -0.65 0.15 -2.23
N VAL A 10 -0.90 -0.46 -3.36
CA VAL A 10 -1.89 0.00 -4.32
C VAL A 10 -3.32 -0.11 -3.77
N ASP A 11 -3.58 -1.09 -2.91
CA ASP A 11 -4.92 -1.24 -2.36
C ASP A 11 -5.10 -0.47 -1.07
N HIS A 12 -4.09 0.30 -0.70
CA HIS A 12 -4.17 1.28 0.34
C HIS A 12 -3.88 2.68 -0.23
N PRO A 13 -4.79 3.27 -1.02
CA PRO A 13 -4.56 4.57 -1.66
C PRO A 13 -4.72 5.72 -0.70
N GLU A 14 -5.28 5.40 0.43
CA GLU A 14 -5.47 6.33 1.49
C GLU A 14 -4.18 6.53 2.27
N ILE A 15 -3.29 5.58 2.16
CA ILE A 15 -2.01 5.70 2.81
C ILE A 15 -0.99 6.05 1.75
N CYS A 16 -0.95 5.24 0.74
CA CYS A 16 -0.09 5.45 -0.35
C CYS A 16 -0.88 5.55 -1.65
N NH2 A 17 -1.03 4.45 -2.37
HN1 NH2 A 17 -0.61 3.61 -2.07
HN2 NH2 A 17 -1.55 4.52 -3.19
N GLY A 1 4.39 -3.02 6.80
CA GLY A 1 2.98 -2.88 6.44
C GLY A 1 2.80 -3.07 4.96
N CYS A 2 1.60 -2.90 4.46
CA CYS A 2 1.33 -3.07 3.08
C CYS A 2 1.88 -1.97 2.22
N CYS A 3 2.10 -0.84 2.82
CA CYS A 3 2.75 0.24 2.14
C CYS A 3 4.23 0.00 2.01
N SER A 4 4.75 -0.81 2.88
CA SER A 4 6.12 -1.26 2.80
C SER A 4 6.26 -2.21 1.60
N HIS A 5 5.14 -2.83 1.26
CA HIS A 5 5.03 -3.74 0.15
C HIS A 5 4.63 -2.99 -1.12
N PRO A 6 4.92 -3.52 -2.31
CA PRO A 6 4.55 -2.88 -3.57
C PRO A 6 3.10 -3.19 -4.03
N ALA A 7 2.74 -4.46 -4.06
CA ALA A 7 1.41 -4.83 -4.55
C ALA A 7 0.31 -4.46 -3.57
N CYS A 8 0.59 -4.63 -2.29
CA CYS A 8 -0.40 -4.38 -1.24
C CYS A 8 -0.43 -2.89 -0.90
N ASN A 9 0.39 -2.15 -1.60
CA ASN A 9 0.50 -0.71 -1.43
C ASN A 9 -0.70 -0.06 -2.03
N VAL A 10 -1.07 -0.58 -3.18
CA VAL A 10 -2.15 -0.10 -4.00
C VAL A 10 -3.50 -0.08 -3.25
N ASP A 11 -3.74 -1.06 -2.40
CA ASP A 11 -5.02 -1.13 -1.70
C ASP A 11 -5.10 -0.23 -0.47
N HIS A 12 -4.08 0.58 -0.25
CA HIS A 12 -4.11 1.63 0.72
C HIS A 12 -4.15 2.97 -0.03
N PRO A 13 -5.30 3.34 -0.64
CA PRO A 13 -5.37 4.47 -1.59
C PRO A 13 -5.12 5.81 -0.95
N GLU A 14 -5.59 5.93 0.24
CA GLU A 14 -5.52 7.13 0.99
C GLU A 14 -4.20 7.24 1.75
N ILE A 15 -3.36 6.23 1.65
CA ILE A 15 -2.09 6.23 2.34
C ILE A 15 -0.98 6.29 1.31
N CYS A 16 -1.05 5.39 0.39
CA CYS A 16 -0.11 5.26 -0.66
C CYS A 16 -0.83 5.22 -2.00
N NH2 A 17 -1.07 6.38 -2.56
HN1 NH2 A 17 -0.73 7.17 -2.09
HN2 NH2 A 17 -1.58 6.40 -3.40
N GLY A 1 3.41 -2.78 7.69
CA GLY A 1 3.13 -1.66 6.74
C GLY A 1 2.98 -2.14 5.31
N CYS A 2 1.75 -2.13 4.81
CA CYS A 2 1.48 -2.56 3.45
C CYS A 2 2.19 -1.69 2.43
N CYS A 3 2.54 -0.48 2.85
CA CYS A 3 3.23 0.46 1.98
C CYS A 3 4.60 -0.05 1.60
N SER A 4 5.26 -0.69 2.55
CA SER A 4 6.58 -1.25 2.31
C SER A 4 6.48 -2.36 1.27
N HIS A 5 5.24 -2.75 0.98
CA HIS A 5 4.95 -3.78 0.00
C HIS A 5 4.40 -3.16 -1.28
N PRO A 6 4.64 -3.79 -2.44
CA PRO A 6 4.16 -3.27 -3.72
C PRO A 6 2.72 -3.70 -4.03
N ALA A 7 2.38 -4.93 -3.68
CA ALA A 7 1.04 -5.46 -3.94
C ALA A 7 -0.01 -4.84 -3.01
N CYS A 8 0.30 -4.73 -1.73
CA CYS A 8 -0.65 -4.17 -0.76
C CYS A 8 -0.59 -2.65 -0.74
N ASN A 9 0.08 -2.07 -1.73
CA ASN A 9 0.20 -0.61 -1.81
C ASN A 9 -0.93 0.00 -2.63
N VAL A 10 -1.12 -0.55 -3.82
CA VAL A 10 -2.15 -0.06 -4.74
C VAL A 10 -3.54 -0.05 -4.11
N ASP A 11 -3.88 -1.09 -3.35
CA ASP A 11 -5.19 -1.17 -2.72
C ASP A 11 -5.30 -0.27 -1.51
N HIS A 12 -4.24 0.48 -1.23
CA HIS A 12 -4.24 1.40 -0.11
C HIS A 12 -4.01 2.85 -0.57
N PRO A 13 -5.03 3.45 -1.22
CA PRO A 13 -4.94 4.83 -1.71
C PRO A 13 -5.09 5.85 -0.60
N GLU A 14 -5.49 5.37 0.58
CA GLU A 14 -5.67 6.23 1.73
C GLU A 14 -4.42 6.27 2.59
N ILE A 15 -3.40 5.50 2.20
CA ILE A 15 -2.15 5.46 2.95
C ILE A 15 -1.02 6.08 2.15
N CYS A 16 -0.59 5.39 1.11
CA CYS A 16 0.49 5.87 0.25
C CYS A 16 -0.05 6.38 -1.07
N NH2 A 17 -0.39 5.46 -1.98
HN1 NH2 A 17 -0.27 4.52 -1.74
HN2 NH2 A 17 -0.75 5.77 -2.84
#